data_5JFQ
#
_entry.id   5JFQ
#
_cell.length_a   85.860
_cell.length_b   85.860
_cell.length_c   188.160
_cell.angle_alpha   90.00
_cell.angle_beta   90.00
_cell.angle_gamma   90.00
#
_symmetry.space_group_name_H-M   'P 41 21 2'
#
loop_
_entity.id
_entity.type
_entity.pdbx_description
1 polymer 'Geranylgeranyl Pyrophosphate Synthetase'
2 water water
#
_entity_poly.entity_id   1
_entity_poly.type   'polypeptide(L)'
_entity_poly.pdbx_seq_one_letter_code
;HGSMISEIIKDRAKLVNEKIEELLKEQEPEGLYRAARHYLKAGGKRLRPVITLLSAEALGEDYRKAIHAAIAIETVHNFT
LVHDDIMDEDEMRRGVKTVHTLFGIPTAILAGDTLYAEAFEILSMSDAPPENIVRAVSKLARVCVEICEGQFMDMSFEER
DSVGESEYLEMVRKKTGVLIGISASIPAVLFGKDESVEKALWNYGIYSGIGFQIHDDLLDISGKGKIGKDWGSDILEGKK
TLIVIKAFEEGIELETFGKGRASEEELERDIKKLFDCGAVDYARERAREYIEMAKKNLEVIDESPSRNYLVELADYLIER
DH
;
_entity_poly.pdbx_strand_id   A,B
#
# COMPACT_ATOMS: atom_id res chain seq x y z
N HIS A 1 8.97 39.14 -10.26
CA HIS A 1 7.64 39.47 -10.74
C HIS A 1 6.60 39.36 -9.62
N GLY A 2 5.88 38.25 -9.60
CA GLY A 2 4.86 38.02 -8.58
C GLY A 2 3.52 37.65 -9.18
N SER A 3 3.54 37.20 -10.43
CA SER A 3 2.32 36.80 -11.13
C SER A 3 2.58 35.62 -12.06
N MET A 4 3.74 35.00 -11.92
CA MET A 4 4.11 33.87 -12.75
C MET A 4 3.81 32.52 -12.08
N ILE A 5 3.01 32.49 -11.02
CA ILE A 5 2.90 31.25 -10.25
C ILE A 5 2.31 30.14 -11.11
N SER A 6 1.28 30.43 -11.91
CA SER A 6 0.76 29.39 -12.78
C SER A 6 1.82 28.87 -13.74
N GLU A 7 2.78 29.72 -14.14
CA GLU A 7 3.83 29.27 -15.04
C GLU A 7 4.90 28.46 -14.32
N ILE A 8 5.19 28.76 -13.05
CA ILE A 8 6.16 27.95 -12.31
C ILE A 8 5.60 26.56 -12.04
N ILE A 9 4.33 26.49 -11.58
CA ILE A 9 3.65 25.19 -11.42
C ILE A 9 3.79 24.38 -12.68
N LYS A 10 3.43 25.00 -13.81
CA LYS A 10 3.56 24.37 -15.10
C LYS A 10 4.98 23.86 -15.33
N ASP A 11 5.97 24.74 -15.15
CA ASP A 11 7.36 24.39 -15.44
C ASP A 11 7.80 23.17 -14.62
N ARG A 12 7.53 23.19 -13.31
CA ARG A 12 7.94 22.09 -12.44
C ARG A 12 7.10 20.84 -12.68
N ALA A 13 5.78 21.01 -12.93
CA ALA A 13 4.96 19.86 -13.30
C ALA A 13 5.52 19.17 -14.53
N LYS A 14 5.97 19.96 -15.51
CA LYS A 14 6.53 19.38 -16.72
C LYS A 14 7.72 18.51 -16.37
N LEU A 15 8.55 18.98 -15.45
CA LEU A 15 9.64 18.15 -14.93
C LEU A 15 9.10 16.90 -14.26
N VAL A 16 8.12 17.06 -13.38
CA VAL A 16 7.56 15.91 -12.68
C VAL A 16 7.12 14.85 -13.67
N ASN A 17 6.33 15.26 -14.67
CA ASN A 17 5.82 14.31 -15.64
C ASN A 17 6.94 13.63 -16.42
N GLU A 18 7.96 14.39 -16.83
CA GLU A 18 9.06 13.78 -17.56
C GLU A 18 9.71 12.68 -16.73
N LYS A 19 9.83 12.88 -15.43
CA LYS A 19 10.44 11.82 -14.63
C LYS A 19 9.45 10.72 -14.26
N ILE A 20 8.18 11.06 -14.08
CA ILE A 20 7.13 10.04 -14.00
C ILE A 20 7.29 9.05 -15.15
N GLU A 21 7.35 9.56 -16.38
CA GLU A 21 7.49 8.68 -17.54
C GLU A 21 8.77 7.85 -17.46
N GLU A 22 9.82 8.40 -16.87
CA GLU A 22 11.05 7.63 -16.76
C GLU A 22 10.94 6.53 -15.70
N LEU A 23 10.26 6.80 -14.59
CA LEU A 23 10.32 5.95 -13.40
C LEU A 23 9.10 5.08 -13.21
N LEU A 24 7.97 5.42 -13.81
CA LEU A 24 6.78 4.61 -13.74
C LEU A 24 6.42 4.19 -15.16
N LYS A 25 7.26 3.32 -15.72
CA LYS A 25 7.06 2.80 -17.06
C LYS A 25 6.03 1.67 -17.03
N GLU A 26 5.24 1.58 -18.10
CA GLU A 26 4.34 0.44 -18.25
C GLU A 26 5.13 -0.84 -18.40
N GLN A 27 4.74 -1.89 -17.67
CA GLN A 27 5.49 -3.14 -17.66
C GLN A 27 4.54 -4.31 -17.76
N GLU A 28 5.12 -5.53 -17.82
CA GLU A 28 4.35 -6.74 -17.61
C GLU A 28 4.20 -7.01 -16.11
N PRO A 29 3.07 -7.57 -15.67
CA PRO A 29 1.86 -7.88 -16.41
C PRO A 29 1.18 -6.61 -16.91
N GLU A 30 0.87 -6.60 -18.20
CA GLU A 30 0.40 -5.37 -18.87
C GLU A 30 -0.93 -4.90 -18.33
N GLY A 31 -1.78 -5.82 -17.87
CA GLY A 31 -3.08 -5.41 -17.40
C GLY A 31 -3.00 -4.70 -16.08
N LEU A 32 -2.09 -5.14 -15.21
CA LEU A 32 -1.85 -4.44 -13.96
C LEU A 32 -1.29 -3.06 -14.22
N TYR A 33 -0.29 -2.95 -15.10
CA TYR A 33 0.39 -1.68 -15.26
C TYR A 33 -0.45 -0.66 -16.05
N ARG A 34 -1.29 -1.12 -16.97
CA ARG A 34 -2.17 -0.16 -17.63
C ARG A 34 -3.16 0.44 -16.65
N ALA A 35 -3.69 -0.38 -15.73
CA ALA A 35 -4.45 0.16 -14.62
C ALA A 35 -3.56 1.00 -13.71
N ALA A 36 -2.33 0.58 -13.52
CA ALA A 36 -1.45 1.28 -12.59
C ALA A 36 -1.06 2.64 -13.16
N ARG A 37 -1.01 2.78 -14.47
CA ARG A 37 -0.56 4.03 -15.05
C ARG A 37 -1.72 4.90 -15.55
N HIS A 38 -2.96 4.42 -15.43
CA HIS A 38 -4.11 5.09 -16.01
C HIS A 38 -4.21 6.53 -15.53
N TYR A 39 -4.48 6.73 -14.24
CA TYR A 39 -4.59 8.08 -13.70
C TYR A 39 -3.35 8.91 -13.99
N LEU A 40 -2.17 8.33 -13.81
CA LEU A 40 -0.93 9.06 -14.08
C LEU A 40 -0.88 9.59 -15.51
N LYS A 41 -1.38 8.80 -16.48
CA LYS A 41 -1.32 9.22 -17.88
C LYS A 41 -2.42 10.22 -18.23
N ALA A 42 -3.58 10.12 -17.58
CA ALA A 42 -4.61 11.15 -17.76
C ALA A 42 -4.20 12.49 -17.17
N GLY A 43 -3.01 12.60 -16.58
CA GLY A 43 -2.55 13.88 -16.09
C GLY A 43 -2.77 14.06 -14.61
N GLY A 44 -2.98 15.32 -14.21
CA GLY A 44 -2.92 15.72 -12.82
C GLY A 44 -2.21 17.06 -12.72
N LYS A 45 -2.70 17.92 -11.84
CA LYS A 45 -2.03 19.21 -11.68
C LYS A 45 -0.61 19.03 -11.18
N ARG A 46 -0.31 17.92 -10.48
CA ARG A 46 1.04 17.62 -9.97
C ARG A 46 1.43 18.55 -8.85
N LEU A 47 0.42 19.05 -8.15
CA LEU A 47 0.61 20.11 -7.19
C LEU A 47 1.52 19.67 -6.04
N ARG A 48 1.40 18.41 -5.62
CA ARG A 48 2.20 17.96 -4.50
C ARG A 48 3.67 17.82 -4.86
N PRO A 49 4.04 17.12 -5.95
CA PRO A 49 5.48 17.08 -6.30
C PRO A 49 6.05 18.44 -6.65
N VAL A 50 5.26 19.30 -7.31
CA VAL A 50 5.68 20.67 -7.57
C VAL A 50 6.03 21.37 -6.26
N ILE A 51 5.17 21.23 -5.26
CA ILE A 51 5.47 21.78 -3.95
C ILE A 51 6.80 21.21 -3.43
N THR A 52 6.98 19.90 -3.53
CA THR A 52 8.24 19.30 -3.12
C THR A 52 9.42 19.98 -3.80
N LEU A 53 9.32 20.27 -5.09
CA LEU A 53 10.47 20.82 -5.78
C LEU A 53 10.64 22.30 -5.45
N LEU A 54 9.54 22.99 -5.20
CA LEU A 54 9.69 24.37 -4.78
C LEU A 54 10.26 24.46 -3.37
N SER A 55 9.74 23.63 -2.47
CA SER A 55 10.29 23.55 -1.11
C SER A 55 11.77 23.25 -1.14
N ALA A 56 12.15 22.22 -1.90
CA ALA A 56 13.57 21.87 -2.02
C ALA A 56 14.40 23.08 -2.46
N GLU A 57 13.93 23.78 -3.49
CA GLU A 57 14.66 24.93 -3.96
C GLU A 57 14.71 26.02 -2.90
N ALA A 58 13.59 26.25 -2.20
CA ALA A 58 13.55 27.29 -1.19
C ALA A 58 14.48 26.98 -0.01
N LEU A 59 14.91 25.72 0.12
CA LEU A 59 15.86 25.30 1.13
C LEU A 59 17.29 25.37 0.63
N GLY A 60 17.51 25.97 -0.53
CA GLY A 60 18.84 26.15 -1.06
C GLY A 60 19.48 24.91 -1.62
N GLU A 61 18.69 23.91 -2.01
CA GLU A 61 19.19 22.63 -2.48
C GLU A 61 18.92 22.48 -3.96
N ASP A 62 19.62 21.53 -4.57
CA ASP A 62 19.38 21.17 -5.96
C ASP A 62 18.07 20.42 -6.04
N TYR A 63 17.02 21.06 -6.56
CA TYR A 63 15.73 20.40 -6.42
C TYR A 63 15.59 19.17 -7.31
N ARG A 64 16.49 19.00 -8.27
CA ARG A 64 16.52 17.73 -8.98
C ARG A 64 16.79 16.57 -8.02
N LYS A 65 17.55 16.81 -6.95
CA LYS A 65 17.73 15.78 -5.94
C LYS A 65 16.42 15.38 -5.27
N ALA A 66 15.45 16.28 -5.21
CA ALA A 66 14.17 15.99 -4.58
C ALA A 66 13.16 15.30 -5.50
N ILE A 67 13.53 15.02 -6.76
CA ILE A 67 12.58 14.50 -7.72
C ILE A 67 11.98 13.20 -7.22
N HIS A 68 12.82 12.30 -6.71
CA HIS A 68 12.33 10.98 -6.31
C HIS A 68 11.30 11.10 -5.21
N ALA A 69 11.64 11.77 -4.11
CA ALA A 69 10.65 12.10 -3.10
C ALA A 69 9.42 12.71 -3.76
N ALA A 70 9.62 13.65 -4.68
CA ALA A 70 8.49 14.32 -5.33
C ALA A 70 7.59 13.30 -6.02
N ILE A 71 8.20 12.39 -6.75
CA ILE A 71 7.41 11.44 -7.49
C ILE A 71 6.84 10.36 -6.59
N ALA A 72 7.55 9.98 -5.53
CA ALA A 72 6.95 9.05 -4.59
C ALA A 72 5.67 9.62 -4.01
N ILE A 73 5.67 10.90 -3.65
CA ILE A 73 4.47 11.48 -3.08
C ILE A 73 3.37 11.56 -4.12
N GLU A 74 3.72 11.91 -5.36
CA GLU A 74 2.70 11.88 -6.40
C GLU A 74 2.25 10.44 -6.64
N THR A 75 3.16 9.48 -6.42
CA THR A 75 2.75 8.09 -6.54
C THR A 75 1.79 7.71 -5.42
N VAL A 76 2.09 8.11 -4.19
CA VAL A 76 1.13 7.87 -3.09
C VAL A 76 -0.21 8.47 -3.44
N HIS A 77 -0.21 9.69 -3.95
CA HIS A 77 -1.46 10.39 -4.28
C HIS A 77 -2.28 9.60 -5.29
N ASN A 78 -1.64 9.15 -6.33
CA ASN A 78 -2.31 8.40 -7.34
C ASN A 78 -2.86 7.11 -6.79
N PHE A 79 -2.14 6.51 -5.88
CA PHE A 79 -2.60 5.31 -5.26
C PHE A 79 -3.85 5.55 -4.46
N THR A 80 -3.95 6.69 -3.78
CA THR A 80 -5.10 6.96 -2.99
C THR A 80 -6.25 7.20 -3.90
N LEU A 81 -5.98 7.73 -5.06
CA LEU A 81 -7.05 8.02 -5.99
C LEU A 81 -7.71 6.74 -6.48
N VAL A 82 -6.90 5.75 -6.85
CA VAL A 82 -7.44 4.47 -7.32
C VAL A 82 -8.30 3.82 -6.26
N HIS A 83 -7.76 3.66 -5.06
CA HIS A 83 -8.51 3.02 -3.98
C HIS A 83 -9.71 3.84 -3.55
N ASP A 84 -9.58 5.17 -3.51
CA ASP A 84 -10.73 5.99 -3.14
C ASP A 84 -11.86 5.78 -4.11
N ASP A 85 -11.53 5.69 -5.40
CA ASP A 85 -12.55 5.54 -6.42
C ASP A 85 -13.31 4.23 -6.26
N ILE A 86 -12.63 3.20 -5.75
CA ILE A 86 -13.32 1.95 -5.46
C ILE A 86 -14.41 2.17 -4.44
N MET A 87 -14.28 3.17 -3.57
CA MET A 87 -15.21 3.30 -2.46
C MET A 87 -16.24 4.42 -2.62
N ASP A 88 -16.00 5.40 -3.49
CA ASP A 88 -17.09 6.28 -3.91
C ASP A 88 -17.97 5.62 -4.97
N GLU A 89 -17.43 4.60 -5.66
CA GLU A 89 -18.12 3.77 -6.64
C GLU A 89 -18.59 4.56 -7.88
N ASP A 90 -18.70 5.88 -7.75
CA ASP A 90 -19.06 6.76 -8.87
C ASP A 90 -18.00 6.69 -9.97
N GLY A 95 -14.54 12.13 -17.33
CA GLY A 95 -14.11 11.60 -16.05
C GLY A 95 -12.64 11.83 -15.71
N VAL A 96 -11.73 11.03 -16.27
CA VAL A 96 -12.05 9.90 -17.15
C VAL A 96 -12.62 8.75 -16.35
N LYS A 97 -12.87 7.62 -17.03
CA LYS A 97 -13.41 6.48 -16.33
C LYS A 97 -12.47 6.06 -15.20
N THR A 98 -13.04 5.68 -14.07
CA THR A 98 -12.23 5.23 -12.95
C THR A 98 -11.54 3.91 -13.29
N VAL A 99 -10.51 3.58 -12.51
CA VAL A 99 -9.74 2.38 -12.79
C VAL A 99 -10.57 1.15 -12.55
N HIS A 100 -11.36 1.14 -11.46
CA HIS A 100 -12.16 -0.04 -11.17
C HIS A 100 -13.24 -0.23 -12.23
N THR A 101 -13.67 0.87 -12.84
CA THR A 101 -14.62 0.75 -13.94
C THR A 101 -13.97 0.16 -15.18
N LEU A 102 -12.72 0.55 -15.47
CA LEU A 102 -12.12 0.08 -16.70
C LEU A 102 -11.52 -1.31 -16.56
N PHE A 103 -11.06 -1.68 -15.38
CA PHE A 103 -10.28 -2.90 -15.23
C PHE A 103 -10.87 -3.85 -14.21
N GLY A 104 -11.92 -3.46 -13.51
CA GLY A 104 -12.44 -4.29 -12.45
C GLY A 104 -11.81 -3.93 -11.10
N ILE A 105 -12.52 -4.30 -10.06
CA ILE A 105 -12.13 -3.93 -8.71
C ILE A 105 -10.84 -4.63 -8.30
N PRO A 106 -10.64 -5.92 -8.60
CA PRO A 106 -9.36 -6.55 -8.17
C PRO A 106 -8.14 -5.91 -8.81
N THR A 107 -8.18 -5.74 -10.13
CA THR A 107 -7.12 -5.02 -10.81
C THR A 107 -6.94 -3.63 -10.22
N ALA A 108 -8.05 -2.97 -9.90
CA ALA A 108 -7.95 -1.66 -9.27
C ALA A 108 -7.26 -1.74 -7.91
N ILE A 109 -7.62 -2.71 -7.07
CA ILE A 109 -6.98 -2.81 -5.78
C ILE A 109 -5.49 -3.09 -5.96
N LEU A 110 -5.15 -4.08 -6.77
CA LEU A 110 -3.74 -4.38 -7.03
C LEU A 110 -3.03 -3.23 -7.72
N ALA A 111 -3.76 -2.42 -8.49
CA ALA A 111 -3.11 -1.28 -9.14
C ALA A 111 -2.69 -0.25 -8.11
N GLY A 112 -3.55 0.02 -7.13
CA GLY A 112 -3.17 0.92 -6.06
C GLY A 112 -2.03 0.36 -5.25
N ASP A 113 -2.13 -0.93 -4.86
CA ASP A 113 -1.10 -1.60 -4.10
C ASP A 113 0.24 -1.61 -4.84
N THR A 114 0.21 -1.65 -6.17
CA THR A 114 1.45 -1.59 -6.92
C THR A 114 2.07 -0.20 -6.81
N LEU A 115 1.28 0.82 -7.15
CA LEU A 115 1.77 2.19 -7.01
C LEU A 115 2.29 2.43 -5.59
N TYR A 116 1.63 1.83 -4.59
CA TYR A 116 1.97 2.03 -3.20
C TYR A 116 3.40 1.60 -2.92
N ALA A 117 3.76 0.40 -3.34
CA ALA A 117 5.11 -0.08 -3.09
C ALA A 117 6.12 0.71 -3.90
N GLU A 118 5.78 1.04 -5.16
CA GLU A 118 6.70 1.78 -6.01
C GLU A 118 7.05 3.12 -5.39
N ALA A 119 6.05 3.82 -4.85
CA ALA A 119 6.29 5.06 -4.13
C ALA A 119 7.50 4.90 -3.22
N PHE A 120 7.47 3.87 -2.36
CA PHE A 120 8.56 3.70 -1.43
C PHE A 120 9.84 3.30 -2.16
N GLU A 121 9.71 2.48 -3.21
CA GLU A 121 10.91 2.14 -3.96
C GLU A 121 11.55 3.38 -4.56
N ILE A 122 10.72 4.28 -5.09
CA ILE A 122 11.24 5.50 -5.71
C ILE A 122 11.87 6.40 -4.65
N LEU A 123 11.15 6.62 -3.55
CA LEU A 123 11.66 7.50 -2.52
C LEU A 123 13.04 7.04 -2.05
N SER A 124 13.22 5.72 -1.94
CA SER A 124 14.47 5.11 -1.55
C SER A 124 15.59 5.29 -2.59
N MET A 125 15.29 5.73 -3.79
CA MET A 125 16.38 6.04 -4.73
C MET A 125 16.92 7.46 -4.53
N SER A 126 16.45 8.18 -3.52
CA SER A 126 16.80 9.58 -3.38
C SER A 126 18.30 9.79 -3.21
N ASP A 127 18.76 10.88 -3.80
CA ASP A 127 20.15 11.28 -3.73
C ASP A 127 20.31 12.16 -2.50
N ALA A 128 20.43 11.48 -1.36
CA ALA A 128 20.37 12.11 -0.06
C ALA A 128 20.94 11.11 0.96
N PRO A 129 21.41 11.59 2.11
CA PRO A 129 22.00 10.70 3.11
C PRO A 129 21.02 9.65 3.58
N PRO A 130 21.46 8.40 3.72
CA PRO A 130 20.54 7.31 4.13
C PRO A 130 19.75 7.58 5.38
N GLU A 131 20.36 8.23 6.37
CA GLU A 131 19.64 8.50 7.61
C GLU A 131 18.43 9.38 7.35
N ASN A 132 18.51 10.21 6.32
CA ASN A 132 17.40 11.07 5.98
C ASN A 132 16.38 10.33 5.14
N ILE A 133 16.87 9.49 4.24
CA ILE A 133 15.98 8.62 3.49
C ILE A 133 15.15 7.78 4.45
N VAL A 134 15.81 7.19 5.46
CA VAL A 134 15.10 6.36 6.42
C VAL A 134 14.03 7.17 7.13
N ARG A 135 14.35 8.42 7.48
CA ARG A 135 13.37 9.29 8.11
C ARG A 135 12.27 9.69 7.13
N ALA A 136 12.62 9.94 5.87
CA ALA A 136 11.58 10.28 4.91
C ALA A 136 10.66 9.07 4.69
N VAL A 137 11.22 7.87 4.66
CA VAL A 137 10.39 6.68 4.55
C VAL A 137 9.46 6.59 5.75
N SER A 138 10.03 6.67 6.96
CA SER A 138 9.18 6.64 8.14
C SER A 138 8.11 7.71 8.10
N LYS A 139 8.47 8.92 7.68
CA LYS A 139 7.51 10.00 7.72
C LYS A 139 6.44 9.83 6.66
N LEU A 140 6.81 9.43 5.45
CA LEU A 140 5.81 9.25 4.40
C LEU A 140 4.83 8.15 4.76
N ALA A 141 5.37 7.05 5.31
CA ALA A 141 4.54 5.96 5.79
C ALA A 141 3.56 6.42 6.86
N ARG A 142 4.03 7.19 7.85
CA ARG A 142 3.09 7.67 8.86
C ARG A 142 2.00 8.52 8.21
N VAL A 143 2.35 9.28 7.18
CA VAL A 143 1.35 10.08 6.47
C VAL A 143 0.37 9.17 5.74
N CYS A 144 0.88 8.15 5.08
CA CYS A 144 0.00 7.19 4.43
C CYS A 144 -1.00 6.62 5.42
N VAL A 145 -0.54 6.21 6.60
CA VAL A 145 -1.45 5.71 7.63
C VAL A 145 -2.49 6.77 7.95
N GLU A 146 -2.06 8.02 8.00
CA GLU A 146 -3.03 9.05 8.35
C GLU A 146 -4.04 9.27 7.25
N ILE A 147 -3.62 9.16 5.99
CA ILE A 147 -4.56 9.36 4.91
C ILE A 147 -5.67 8.32 4.98
N CYS A 148 -5.30 7.06 5.25
CA CYS A 148 -6.28 6.01 5.43
C CYS A 148 -7.21 6.34 6.59
N GLU A 149 -6.67 6.85 7.69
CA GLU A 149 -7.54 7.32 8.76
C GLU A 149 -8.42 8.46 8.27
N GLY A 150 -7.87 9.36 7.46
CA GLY A 150 -8.70 10.43 6.93
C GLY A 150 -9.77 9.91 6.01
N GLN A 151 -9.38 9.04 5.07
CA GLN A 151 -10.36 8.46 4.17
C GLN A 151 -11.45 7.75 4.97
N PHE A 152 -11.05 6.97 5.99
CA PHE A 152 -12.04 6.30 6.84
C PHE A 152 -13.00 7.30 7.47
N MET A 153 -12.47 8.37 8.08
CA MET A 153 -13.31 9.37 8.70
C MET A 153 -14.29 9.95 7.68
N ASP A 154 -13.77 10.33 6.52
CA ASP A 154 -14.61 10.93 5.49
C ASP A 154 -15.80 10.02 5.15
N MET A 155 -15.55 8.72 5.02
CA MET A 155 -16.64 7.79 4.76
C MET A 155 -17.61 7.72 5.93
N SER A 156 -17.08 7.70 7.16
CA SER A 156 -17.94 7.73 8.32
C SER A 156 -18.87 8.92 8.24
N PHE A 157 -18.35 10.06 7.80
CA PHE A 157 -19.18 11.26 7.70
C PHE A 157 -20.37 11.04 6.77
N GLU A 158 -20.23 10.19 5.75
CA GLU A 158 -21.37 9.90 4.88
C GLU A 158 -22.52 9.30 5.65
N GLU A 159 -22.23 8.50 6.68
CA GLU A 159 -23.26 7.84 7.50
C GLU A 159 -23.73 8.67 8.68
N ARG A 160 -23.14 9.83 8.93
CA ARG A 160 -23.46 10.64 10.09
C ARG A 160 -24.34 11.81 9.71
N ASP A 161 -25.19 12.22 10.62
CA ASP A 161 -26.06 13.36 10.41
C ASP A 161 -25.61 14.61 11.14
N SER A 162 -24.52 14.56 11.90
CA SER A 162 -24.21 15.71 12.75
C SER A 162 -22.69 15.84 12.93
N VAL A 163 -21.99 16.21 11.87
CA VAL A 163 -20.53 16.25 11.88
C VAL A 163 -20.07 17.62 12.33
N GLY A 164 -19.28 17.68 13.38
CA GLY A 164 -18.78 18.96 13.86
C GLY A 164 -17.72 19.56 12.95
N GLU A 165 -17.65 20.90 12.99
CA GLU A 165 -16.60 21.63 12.29
C GLU A 165 -15.20 21.13 12.63
N SER A 166 -14.90 20.90 13.91
CA SER A 166 -13.54 20.49 14.23
C SER A 166 -13.26 19.06 13.75
N GLU A 167 -14.22 18.15 13.95
CA GLU A 167 -14.12 16.80 13.37
C GLU A 167 -13.84 16.86 11.88
N TYR A 168 -14.60 17.70 11.18
CA TYR A 168 -14.44 17.82 9.74
C TYR A 168 -13.05 18.33 9.40
N LEU A 169 -12.60 19.36 10.12
CA LEU A 169 -11.28 19.91 9.83
C LEU A 169 -10.21 18.88 10.12
N GLU A 170 -10.35 18.15 11.23
CA GLU A 170 -9.44 17.04 11.50
C GLU A 170 -9.41 16.03 10.37
N MET A 171 -10.59 15.69 9.83
CA MET A 171 -10.66 14.79 8.68
C MET A 171 -9.84 15.34 7.51
N VAL A 172 -10.11 16.58 7.11
CA VAL A 172 -9.41 17.18 5.97
C VAL A 172 -7.91 17.17 6.19
N ARG A 173 -7.50 17.37 7.45
CA ARG A 173 -6.09 17.40 7.75
C ARG A 173 -5.42 16.10 7.36
N LYS A 174 -6.03 14.98 7.74
CA LYS A 174 -5.45 13.69 7.39
C LYS A 174 -5.69 13.36 5.93
N LYS A 175 -6.90 13.64 5.43
CA LYS A 175 -7.27 13.22 4.09
C LYS A 175 -6.48 13.98 3.02
N THR A 176 -6.29 15.28 3.24
CA THR A 176 -5.66 16.17 2.26
C THR A 176 -4.44 16.89 2.80
N GLY A 177 -4.45 17.30 4.07
CA GLY A 177 -3.38 18.14 4.58
C GLY A 177 -2.04 17.43 4.67
N VAL A 178 -2.00 16.25 5.28
CA VAL A 178 -0.71 15.67 5.66
C VAL A 178 0.12 15.31 4.45
N LEU A 179 -0.53 14.83 3.38
CA LEU A 179 0.21 14.49 2.18
C LEU A 179 0.85 15.74 1.60
N ILE A 180 0.09 16.85 1.56
CA ILE A 180 0.65 18.11 1.13
C ILE A 180 1.67 18.60 2.15
N GLY A 181 1.42 18.31 3.42
CA GLY A 181 2.38 18.67 4.43
C GLY A 181 3.72 18.03 4.18
N ILE A 182 3.72 16.74 3.87
CA ILE A 182 5.02 16.10 3.68
C ILE A 182 5.61 16.39 2.32
N SER A 183 4.82 16.88 1.36
CA SER A 183 5.49 17.24 0.12
C SER A 183 6.27 18.53 0.27
N ALA A 184 5.89 19.39 1.22
CA ALA A 184 6.67 20.55 1.56
C ALA A 184 7.82 20.19 2.51
N SER A 185 7.59 19.28 3.45
CA SER A 185 8.56 19.01 4.51
C SER A 185 9.59 17.96 4.13
N ILE A 186 9.33 17.15 3.12
CA ILE A 186 10.21 16.02 2.86
C ILE A 186 11.58 16.48 2.37
N PRO A 187 11.72 17.59 1.62
CA PRO A 187 13.09 18.03 1.32
C PRO A 187 13.82 18.52 2.56
N ALA A 188 13.14 19.14 3.51
CA ALA A 188 13.74 19.37 4.82
C ALA A 188 14.27 18.07 5.42
N VAL A 189 13.43 17.02 5.46
CA VAL A 189 13.90 15.76 6.02
C VAL A 189 15.12 15.27 5.25
N LEU A 190 14.99 15.16 3.92
CA LEU A 190 16.05 14.55 3.12
C LEU A 190 17.37 15.27 3.27
N PHE A 191 17.36 16.59 3.44
CA PHE A 191 18.59 17.36 3.31
C PHE A 191 19.08 17.87 4.66
N GLY A 192 18.63 17.24 5.74
CA GLY A 192 19.18 17.46 7.06
C GLY A 192 18.82 18.77 7.69
N LYS A 193 17.79 19.44 7.17
CA LYS A 193 17.35 20.69 7.78
C LYS A 193 16.76 20.39 9.14
N ASP A 194 16.77 21.37 10.02
CA ASP A 194 16.41 21.06 11.41
C ASP A 194 14.89 21.08 11.61
N GLU A 195 14.50 20.80 12.86
CA GLU A 195 13.10 20.49 13.17
C GLU A 195 12.20 21.69 12.99
N SER A 196 12.63 22.86 13.42
CA SER A 196 11.80 24.04 13.20
C SER A 196 11.57 24.31 11.72
N VAL A 197 12.46 23.86 10.84
CA VAL A 197 12.30 24.16 9.42
C VAL A 197 11.34 23.16 8.76
N GLU A 198 11.56 21.87 9.00
CA GLU A 198 10.59 20.84 8.66
C GLU A 198 9.20 21.21 9.18
N LYS A 199 9.13 21.67 10.44
CA LYS A 199 7.84 22.04 11.02
C LYS A 199 7.21 23.17 10.22
N ALA A 200 8.03 24.12 9.79
CA ALA A 200 7.46 25.26 9.08
C ALA A 200 6.88 24.83 7.73
N LEU A 201 7.58 23.95 7.03
CA LEU A 201 7.13 23.48 5.72
C LEU A 201 5.94 22.52 5.86
N TRP A 202 5.99 21.65 6.85
CA TRP A 202 4.87 20.78 7.20
C TRP A 202 3.59 21.58 7.44
N ASN A 203 3.65 22.56 8.37
CA ASN A 203 2.49 23.42 8.65
C ASN A 203 2.05 24.14 7.39
N TYR A 204 2.99 24.66 6.61
CA TYR A 204 2.65 25.25 5.32
C TYR A 204 1.84 24.28 4.44
N GLY A 205 2.29 23.03 4.35
CA GLY A 205 1.54 22.07 3.56
C GLY A 205 0.16 21.82 4.14
N ILE A 206 0.10 21.47 5.42
CA ILE A 206 -1.18 21.14 6.05
C ILE A 206 -2.15 22.31 5.90
N TYR A 207 -1.69 23.51 6.20
CA TYR A 207 -2.62 24.63 6.22
C TYR A 207 -3.02 25.02 4.82
N SER A 208 -2.10 24.87 3.87
CA SER A 208 -2.46 25.03 2.47
C SER A 208 -3.50 24.00 2.05
N GLY A 209 -3.27 22.74 2.42
CA GLY A 209 -4.16 21.67 2.02
C GLY A 209 -5.55 21.86 2.57
N ILE A 210 -5.67 22.23 3.84
CA ILE A 210 -6.99 22.39 4.46
C ILE A 210 -7.74 23.53 3.80
N GLY A 211 -7.07 24.68 3.62
CA GLY A 211 -7.69 25.79 2.92
C GLY A 211 -8.02 25.43 1.48
N PHE A 212 -7.06 24.81 0.79
CA PHE A 212 -7.30 24.33 -0.57
C PHE A 212 -8.56 23.46 -0.65
N GLN A 213 -8.85 22.70 0.41
CA GLN A 213 -10.04 21.87 0.37
C GLN A 213 -11.29 22.71 0.56
N ILE A 214 -11.24 23.68 1.48
CA ILE A 214 -12.41 24.51 1.73
C ILE A 214 -12.79 25.29 0.48
N HIS A 215 -11.79 25.87 -0.20
CA HIS A 215 -12.03 26.64 -1.41
C HIS A 215 -12.53 25.74 -2.54
N ASP A 216 -11.95 24.55 -2.65
CA ASP A 216 -12.42 23.57 -3.63
C ASP A 216 -13.90 23.34 -3.48
N ASP A 217 -14.35 23.11 -2.24
CA ASP A 217 -15.75 22.96 -1.91
C ASP A 217 -16.55 24.24 -2.14
N LEU A 218 -15.93 25.41 -2.07
CA LEU A 218 -16.65 26.62 -2.44
C LEU A 218 -16.85 26.72 -3.95
N LEU A 219 -15.89 26.22 -4.74
CA LEU A 219 -16.04 26.24 -6.20
C LEU A 219 -17.23 25.41 -6.66
N ASP A 220 -17.70 24.48 -5.83
CA ASP A 220 -18.89 23.73 -6.17
C ASP A 220 -20.13 24.61 -6.25
N ILE A 221 -20.01 25.91 -5.92
CA ILE A 221 -21.15 26.80 -5.77
C ILE A 221 -20.77 28.19 -6.30
N SER A 222 -19.53 28.35 -6.75
CA SER A 222 -19.00 29.66 -7.10
C SER A 222 -18.01 29.59 -8.27
N GLY A 228 -18.50 21.76 -17.97
CA GLY A 228 -18.37 20.43 -17.42
C GLY A 228 -19.36 20.07 -16.31
N LYS A 229 -18.87 20.01 -15.06
CA LYS A 229 -19.71 19.65 -13.93
C LYS A 229 -20.72 20.77 -13.63
N ASP A 230 -21.64 20.49 -12.70
CA ASP A 230 -22.84 21.29 -12.53
C ASP A 230 -22.87 21.98 -11.17
N TRP A 231 -23.53 23.14 -11.15
CA TRP A 231 -23.68 23.91 -9.93
C TRP A 231 -24.34 23.07 -8.83
N GLY A 232 -23.80 23.15 -7.62
CA GLY A 232 -24.43 22.52 -6.49
C GLY A 232 -24.31 21.01 -6.45
N SER A 233 -23.39 20.44 -7.21
CA SER A 233 -23.24 18.99 -7.23
C SER A 233 -23.13 18.43 -5.81
N ASP A 234 -22.13 18.90 -5.04
CA ASP A 234 -21.91 18.42 -3.69
C ASP A 234 -23.18 18.47 -2.83
N ILE A 235 -24.05 19.46 -3.06
CA ILE A 235 -25.28 19.59 -2.26
C ILE A 235 -26.18 18.38 -2.47
N LEU A 236 -26.49 18.08 -3.73
CA LEU A 236 -27.39 16.97 -4.02
C LEU A 236 -26.78 15.64 -3.63
N GLU A 237 -25.45 15.53 -3.64
CA GLU A 237 -24.80 14.31 -3.19
C GLU A 237 -24.60 14.29 -1.70
N GLY A 238 -25.12 15.29 -1.00
CA GLY A 238 -25.13 15.31 0.44
C GLY A 238 -23.78 15.49 1.10
N LYS A 239 -22.71 15.71 0.33
CA LYS A 239 -21.37 15.86 0.88
C LYS A 239 -21.31 16.91 1.98
N LYS A 240 -20.67 16.53 3.07
CA LYS A 240 -20.42 17.45 4.17
C LYS A 240 -19.15 18.24 3.90
N THR A 241 -19.34 19.51 3.62
CA THR A 241 -18.28 20.49 3.47
C THR A 241 -18.38 21.46 4.63
N LEU A 242 -17.38 22.34 4.77
CA LEU A 242 -17.48 23.33 5.83
C LEU A 242 -18.73 24.19 5.65
N ILE A 243 -19.04 24.58 4.41
CA ILE A 243 -20.24 25.39 4.16
C ILE A 243 -21.48 24.71 4.74
N VAL A 244 -21.78 23.50 4.24
CA VAL A 244 -22.92 22.75 4.75
C VAL A 244 -22.91 22.71 6.27
N ILE A 245 -21.74 22.45 6.87
CA ILE A 245 -21.66 22.20 8.30
C ILE A 245 -21.95 23.46 9.10
N LYS A 246 -21.55 24.62 8.59
CA LYS A 246 -21.86 25.85 9.32
C LYS A 246 -23.32 26.25 9.15
N ALA A 247 -23.90 25.95 7.99
CA ALA A 247 -25.34 26.18 7.79
C ALA A 247 -26.15 25.32 8.76
N PHE A 248 -25.84 24.04 8.84
CA PHE A 248 -26.49 23.18 9.82
C PHE A 248 -26.24 23.67 11.23
N GLU A 249 -25.01 24.09 11.52
CA GLU A 249 -24.63 24.55 12.86
C GLU A 249 -25.58 25.63 13.36
N GLU A 250 -26.18 26.40 12.46
CA GLU A 250 -27.15 27.40 12.85
C GLU A 250 -28.52 27.10 12.25
N GLY A 251 -28.79 25.81 12.00
CA GLY A 251 -30.12 25.30 11.69
C GLY A 251 -30.72 25.85 10.41
N ILE A 252 -30.09 25.57 9.27
CA ILE A 252 -30.60 26.06 8.00
C ILE A 252 -31.31 24.91 7.28
N GLU A 253 -30.77 23.69 7.40
CA GLU A 253 -31.38 22.45 6.89
C GLU A 253 -31.99 22.59 5.49
N LEU A 254 -31.34 22.03 4.48
CA LEU A 254 -31.63 22.34 3.08
C LEU A 254 -32.55 21.30 2.44
N GLU A 255 -33.25 21.75 1.40
CA GLU A 255 -34.29 20.96 0.74
C GLU A 255 -33.76 20.09 -0.40
N THR A 256 -32.44 19.98 -0.55
CA THR A 256 -31.85 18.90 -1.33
C THR A 256 -30.75 18.27 -0.48
N PHE A 257 -30.20 17.16 -0.98
CA PHE A 257 -29.25 16.25 -0.34
C PHE A 257 -29.51 14.86 -0.92
N GLY A 258 -30.61 14.72 -1.65
CA GLY A 258 -30.89 13.56 -2.48
C GLY A 258 -31.00 13.99 -3.93
N LYS A 259 -30.13 13.48 -4.80
CA LYS A 259 -29.81 14.14 -6.07
C LYS A 259 -30.86 14.02 -7.17
N LEU A 267 -32.80 23.44 -6.00
CA LEU A 267 -31.38 23.47 -5.64
C LEU A 267 -30.91 24.90 -5.53
N GLU A 268 -31.13 25.66 -6.59
CA GLU A 268 -30.75 27.08 -6.57
C GLU A 268 -31.37 27.78 -5.38
N ARG A 269 -32.48 27.25 -4.85
CA ARG A 269 -33.05 27.79 -3.62
C ARG A 269 -32.13 27.57 -2.44
N ASP A 270 -31.61 26.33 -2.31
CA ASP A 270 -30.71 26.00 -1.22
C ASP A 270 -29.48 26.91 -1.22
N ILE A 271 -28.89 27.11 -2.39
CA ILE A 271 -27.64 27.86 -2.50
C ILE A 271 -27.79 29.25 -1.92
N LYS A 272 -28.96 29.88 -2.11
CA LYS A 272 -29.17 31.21 -1.52
C LYS A 272 -29.10 31.14 0.00
N LYS A 273 -29.70 30.12 0.60
CA LYS A 273 -29.69 30.01 2.05
C LYS A 273 -28.26 29.93 2.60
N LEU A 274 -27.35 29.32 1.82
CA LEU A 274 -25.97 29.15 2.28
C LEU A 274 -25.22 30.48 2.29
N PHE A 275 -25.40 31.30 1.26
CA PHE A 275 -24.88 32.66 1.31
C PHE A 275 -25.59 33.45 2.40
N ASP A 276 -26.92 33.42 2.41
CA ASP A 276 -27.71 34.31 3.27
C ASP A 276 -27.30 34.18 4.73
N CYS A 277 -26.99 32.97 5.18
CA CYS A 277 -26.57 32.81 6.58
C CYS A 277 -25.11 33.16 6.80
N GLY A 278 -24.38 33.59 5.76
CA GLY A 278 -22.97 33.82 5.87
C GLY A 278 -22.12 32.58 5.94
N ALA A 279 -22.73 31.39 5.81
CA ALA A 279 -21.95 30.16 5.85
C ALA A 279 -20.97 30.09 4.69
N VAL A 280 -21.34 30.62 3.54
CA VAL A 280 -20.39 30.70 2.44
C VAL A 280 -19.20 31.58 2.83
N ASP A 281 -19.46 32.71 3.50
CA ASP A 281 -18.36 33.60 3.80
C ASP A 281 -17.58 33.13 5.01
N TYR A 282 -18.21 32.38 5.91
CA TYR A 282 -17.47 31.74 6.98
C TYR A 282 -16.39 30.84 6.40
N ALA A 283 -16.76 30.03 5.41
CA ALA A 283 -15.82 29.10 4.82
C ALA A 283 -14.69 29.85 4.11
N ARG A 284 -15.02 30.89 3.36
CA ARG A 284 -13.98 31.71 2.73
C ARG A 284 -13.03 32.27 3.77
N GLU A 285 -13.59 32.88 4.82
CA GLU A 285 -12.75 33.43 5.88
C GLU A 285 -11.93 32.33 6.53
N ARG A 286 -12.48 31.12 6.65
CA ARG A 286 -11.69 30.03 7.19
C ARG A 286 -10.56 29.65 6.26
N ALA A 287 -10.85 29.55 4.96
CA ALA A 287 -9.82 29.13 4.03
C ALA A 287 -8.69 30.15 3.97
N ARG A 288 -9.03 31.45 3.92
CA ARG A 288 -8.00 32.49 3.94
C ARG A 288 -7.19 32.46 5.24
N GLU A 289 -7.86 32.33 6.39
CA GLU A 289 -7.14 32.11 7.64
C GLU A 289 -6.08 31.03 7.48
N TYR A 290 -6.47 29.88 6.94
CA TYR A 290 -5.53 28.78 6.80
C TYR A 290 -4.35 29.16 5.91
N ILE A 291 -4.60 29.90 4.83
CA ILE A 291 -3.50 30.20 3.92
C ILE A 291 -2.58 31.28 4.52
N GLU A 292 -3.15 32.26 5.22
CA GLU A 292 -2.29 33.17 5.96
C GLU A 292 -1.44 32.42 6.96
N MET A 293 -2.04 31.51 7.71
CA MET A 293 -1.28 30.70 8.65
C MET A 293 -0.18 29.93 7.94
N ALA A 294 -0.50 29.38 6.76
CA ALA A 294 0.52 28.66 5.98
C ALA A 294 1.64 29.60 5.59
N LYS A 295 1.29 30.83 5.22
CA LYS A 295 2.31 31.78 4.79
C LYS A 295 3.16 32.24 5.97
N LYS A 296 2.56 32.44 7.14
CA LYS A 296 3.36 32.88 8.27
C LYS A 296 4.37 31.82 8.68
N ASN A 297 4.05 30.54 8.46
CA ASN A 297 5.03 29.49 8.76
C ASN A 297 6.22 29.54 7.82
N LEU A 298 6.05 30.08 6.62
CA LEU A 298 7.16 30.20 5.69
C LEU A 298 8.15 31.27 6.12
N GLU A 299 7.74 32.18 7.00
CA GLU A 299 8.62 33.24 7.48
C GLU A 299 9.92 32.67 8.05
N VAL A 300 9.88 31.46 8.57
CA VAL A 300 11.06 30.76 9.05
C VAL A 300 12.10 30.54 7.97
N ILE A 301 11.71 30.57 6.72
CA ILE A 301 12.57 30.23 5.59
C ILE A 301 13.18 31.50 5.03
N ASP A 302 14.40 31.39 4.51
CA ASP A 302 15.02 32.53 3.85
C ASP A 302 14.22 32.97 2.64
N GLU A 303 14.04 34.28 2.52
CA GLU A 303 13.40 34.86 1.35
C GLU A 303 14.14 34.45 0.09
N SER A 304 13.40 34.10 -0.92
CA SER A 304 14.03 33.72 -2.17
C SER A 304 12.94 33.71 -3.20
N PRO A 305 13.28 33.70 -4.49
CA PRO A 305 12.25 33.38 -5.50
C PRO A 305 11.43 32.17 -5.12
N SER A 306 12.08 31.07 -4.70
CA SER A 306 11.31 29.86 -4.43
C SER A 306 10.43 30.04 -3.21
N ARG A 307 10.87 30.80 -2.21
CA ARG A 307 9.99 30.95 -1.06
C ARG A 307 8.76 31.75 -1.45
N ASN A 308 8.93 32.75 -2.31
CA ASN A 308 7.77 33.54 -2.72
C ASN A 308 6.85 32.73 -3.63
N TYR A 309 7.41 31.80 -4.41
CA TYR A 309 6.56 30.89 -5.16
C TYR A 309 5.65 30.11 -4.21
N LEU A 310 6.22 29.55 -3.15
CA LEU A 310 5.40 28.84 -2.17
C LEU A 310 4.34 29.75 -1.57
N VAL A 311 4.69 31.01 -1.36
CA VAL A 311 3.75 31.97 -0.81
C VAL A 311 2.61 32.21 -1.80
N GLU A 312 2.97 32.64 -3.02
CA GLU A 312 1.96 32.84 -4.05
C GLU A 312 1.17 31.57 -4.33
N LEU A 313 1.81 30.40 -4.21
CA LEU A 313 1.13 29.14 -4.45
C LEU A 313 -0.01 28.95 -3.45
N ALA A 314 0.27 29.15 -2.17
CA ALA A 314 -0.82 29.13 -1.20
C ALA A 314 -1.93 30.08 -1.61
N ASP A 315 -1.57 31.29 -2.07
CA ASP A 315 -2.60 32.19 -2.56
C ASP A 315 -3.36 31.58 -3.73
N TYR A 316 -2.62 31.07 -4.74
CA TYR A 316 -3.26 30.45 -5.90
C TYR A 316 -4.28 29.39 -5.47
N LEU A 317 -3.88 28.51 -4.55
CA LEU A 317 -4.72 27.41 -4.11
C LEU A 317 -6.13 27.86 -3.73
N ILE A 318 -6.29 29.11 -3.30
CA ILE A 318 -7.59 29.61 -2.87
C ILE A 318 -8.09 30.79 -3.69
N GLU A 319 -7.35 31.21 -4.73
CA GLU A 319 -7.78 32.34 -5.56
C GLU A 319 -8.20 31.93 -6.98
N ARG A 320 -7.99 30.67 -7.37
CA ARG A 320 -8.31 30.21 -8.73
C ARG A 320 -9.80 30.14 -8.97
N GLU B 7 9.46 -27.34 16.20
CA GLU B 7 10.75 -27.36 16.89
C GLU B 7 10.86 -26.17 17.85
N ILE B 8 11.91 -25.35 17.69
CA ILE B 8 12.20 -24.26 18.61
C ILE B 8 11.53 -22.96 18.14
N ILE B 9 10.47 -23.10 17.33
CA ILE B 9 9.90 -21.93 16.69
C ILE B 9 8.96 -21.18 17.61
N LYS B 10 8.12 -21.92 18.36
CA LYS B 10 7.19 -21.29 19.30
C LYS B 10 7.89 -20.29 20.20
N ASP B 11 9.20 -20.41 20.35
CA ASP B 11 9.99 -19.42 21.09
C ASP B 11 9.97 -18.09 20.36
N ARG B 12 10.36 -18.11 19.09
CA ARG B 12 10.43 -16.89 18.29
C ARG B 12 9.04 -16.44 17.87
N ALA B 13 8.17 -17.39 17.53
CA ALA B 13 6.76 -17.09 17.35
C ALA B 13 6.21 -16.30 18.53
N LYS B 14 6.60 -16.69 19.76
CA LYS B 14 6.20 -15.96 20.96
C LYS B 14 6.74 -14.55 20.95
N LEU B 15 8.01 -14.39 20.59
CA LEU B 15 8.62 -13.07 20.55
C LEU B 15 7.91 -12.18 19.54
N VAL B 16 7.65 -12.74 18.35
CA VAL B 16 7.06 -11.99 17.26
C VAL B 16 5.68 -11.45 17.62
N ASN B 17 4.87 -12.25 18.32
CA ASN B 17 3.55 -11.76 18.71
C ASN B 17 3.63 -10.72 19.80
N GLU B 18 4.65 -10.79 20.66
CA GLU B 18 4.84 -9.76 21.66
C GLU B 18 5.20 -8.44 21.00
N LYS B 19 6.11 -8.48 20.02
CA LYS B 19 6.44 -7.27 19.28
C LYS B 19 5.26 -6.78 18.43
N ILE B 20 4.51 -7.70 17.83
CA ILE B 20 3.31 -7.28 17.11
C ILE B 20 2.39 -6.49 18.02
N GLU B 21 2.08 -7.04 19.20
CA GLU B 21 1.20 -6.33 20.12
C GLU B 21 1.84 -5.08 20.69
N GLU B 22 3.14 -4.90 20.50
CA GLU B 22 3.79 -3.68 20.94
C GLU B 22 3.84 -2.64 19.82
N LEU B 23 4.06 -3.08 18.59
CA LEU B 23 4.16 -2.19 17.44
C LEU B 23 2.85 -2.04 16.65
N LEU B 24 1.92 -2.98 16.78
CA LEU B 24 0.70 -2.84 15.97
C LEU B 24 -0.52 -2.67 16.86
N LYS B 25 -0.51 -1.63 17.67
CA LYS B 25 -1.61 -1.39 18.58
C LYS B 25 -2.88 -1.05 17.81
N GLU B 26 -4.01 -1.26 18.46
CA GLU B 26 -5.24 -0.66 17.96
C GLU B 26 -5.29 0.80 18.41
N GLN B 27 -6.01 1.60 17.64
CA GLN B 27 -5.90 3.05 17.71
C GLN B 27 -7.19 3.63 17.11
N GLU B 28 -7.33 5.02 17.12
CA GLU B 28 -8.51 5.51 16.43
C GLU B 28 -8.20 5.78 14.96
N PRO B 29 -9.19 5.72 14.05
CA PRO B 29 -10.58 5.27 14.20
C PRO B 29 -10.65 3.78 14.52
N GLU B 30 -11.29 3.41 15.63
CA GLU B 30 -11.29 1.99 16.02
C GLU B 30 -11.85 1.12 14.90
N GLY B 31 -12.84 1.63 14.16
CA GLY B 31 -13.33 0.88 13.01
C GLY B 31 -12.20 0.42 12.12
N LEU B 32 -11.32 1.35 11.74
CA LEU B 32 -10.23 1.01 10.82
C LEU B 32 -9.24 0.04 11.45
N TYR B 33 -8.95 0.22 12.73
CA TYR B 33 -7.92 -0.61 13.35
C TYR B 33 -8.47 -1.95 13.83
N ARG B 34 -9.76 -2.00 14.19
CA ARG B 34 -10.39 -3.29 14.47
C ARG B 34 -10.24 -4.20 13.26
N ALA B 35 -10.47 -3.63 12.07
CA ALA B 35 -10.26 -4.36 10.83
C ALA B 35 -8.80 -4.65 10.59
N ALA B 36 -7.92 -3.66 10.80
CA ALA B 36 -6.50 -3.86 10.49
C ALA B 36 -5.82 -4.84 11.43
N ARG B 37 -6.35 -5.06 12.61
CA ARG B 37 -5.73 -5.98 13.54
C ARG B 37 -6.49 -7.29 13.60
N HIS B 38 -7.55 -7.45 12.81
CA HIS B 38 -8.38 -8.65 12.88
C HIS B 38 -7.56 -9.92 12.67
N TYR B 39 -6.79 -10.00 11.58
CA TYR B 39 -6.04 -11.23 11.33
C TYR B 39 -4.88 -11.38 12.30
N LEU B 40 -4.19 -10.29 12.63
CA LEU B 40 -3.07 -10.41 13.56
C LEU B 40 -3.54 -11.00 14.88
N LYS B 41 -4.69 -10.55 15.37
CA LYS B 41 -5.26 -11.13 16.59
C LYS B 41 -5.78 -12.54 16.35
N ALA B 42 -6.27 -12.83 15.13
CA ALA B 42 -6.64 -14.22 14.81
C ALA B 42 -5.45 -15.15 14.96
N GLY B 43 -4.24 -14.65 14.73
CA GLY B 43 -3.04 -15.37 15.11
C GLY B 43 -2.54 -16.36 14.09
N GLY B 44 -1.89 -15.86 13.04
CA GLY B 44 -1.27 -16.74 12.06
C GLY B 44 -0.08 -17.51 12.63
N LYS B 45 0.51 -18.33 11.77
CA LYS B 45 1.65 -19.12 12.22
C LYS B 45 2.93 -18.29 12.32
N ARG B 46 2.94 -17.08 11.74
CA ARG B 46 4.08 -16.15 11.82
C ARG B 46 5.32 -16.73 11.13
N LEU B 47 5.12 -17.49 10.06
CA LEU B 47 6.22 -18.24 9.47
C LEU B 47 7.36 -17.33 9.04
N ARG B 48 7.05 -16.36 8.17
CA ARG B 48 8.07 -15.46 7.62
C ARG B 48 8.84 -14.69 8.70
N PRO B 49 8.19 -14.10 9.71
CA PRO B 49 8.97 -13.53 10.83
C PRO B 49 9.99 -14.48 11.42
N VAL B 50 9.59 -15.74 11.68
CA VAL B 50 10.49 -16.72 12.26
C VAL B 50 11.65 -16.99 11.31
N ILE B 51 11.36 -17.01 10.01
CA ILE B 51 12.47 -17.16 9.08
C ILE B 51 13.42 -15.98 9.18
N THR B 52 12.91 -14.79 9.52
CA THR B 52 13.78 -13.62 9.59
C THR B 52 14.67 -13.68 10.83
N LEU B 53 14.10 -14.07 11.97
CA LEU B 53 14.88 -14.19 13.20
C LEU B 53 15.91 -15.28 13.11
N LEU B 54 15.54 -16.43 12.53
CA LEU B 54 16.48 -17.55 12.38
C LEU B 54 17.56 -17.22 11.38
N SER B 55 17.20 -16.60 10.25
CA SER B 55 18.21 -16.18 9.30
C SER B 55 19.20 -15.21 9.94
N ALA B 56 18.69 -14.29 10.75
CA ALA B 56 19.57 -13.34 11.43
C ALA B 56 20.57 -14.08 12.30
N GLU B 57 20.07 -14.97 13.15
CA GLU B 57 20.96 -15.72 14.04
C GLU B 57 21.90 -16.63 13.27
N ALA B 58 21.43 -17.22 12.16
CA ALA B 58 22.32 -17.98 11.30
C ALA B 58 23.44 -17.13 10.76
N LEU B 59 23.17 -15.84 10.49
CA LEU B 59 24.26 -14.95 10.11
C LEU B 59 25.13 -14.57 11.29
N GLY B 60 24.82 -15.14 12.45
CA GLY B 60 25.55 -14.79 13.65
C GLY B 60 25.35 -13.34 14.01
N GLU B 61 24.11 -12.87 13.95
CA GLU B 61 23.80 -11.51 14.35
C GLU B 61 22.92 -11.54 15.57
N ASP B 62 22.67 -10.37 16.12
CA ASP B 62 21.71 -10.25 17.21
C ASP B 62 20.35 -10.25 16.56
N TYR B 63 19.64 -11.37 16.66
CA TYR B 63 18.41 -11.48 15.90
C TYR B 63 17.33 -10.54 16.43
N ARG B 64 17.46 -10.09 17.69
CA ARG B 64 16.56 -9.05 18.17
C ARG B 64 16.68 -7.79 17.32
N LYS B 65 17.86 -7.52 16.76
CA LYS B 65 17.99 -6.37 15.88
C LYS B 65 17.21 -6.56 14.59
N ALA B 66 16.91 -7.80 14.20
CA ALA B 66 16.14 -8.09 13.00
C ALA B 66 14.62 -8.10 13.25
N ILE B 67 14.19 -7.75 14.46
CA ILE B 67 12.79 -7.94 14.83
C ILE B 67 11.88 -7.00 14.03
N HIS B 68 12.34 -5.76 13.76
CA HIS B 68 11.50 -4.81 13.06
C HIS B 68 11.24 -5.29 11.61
N ALA B 69 12.29 -5.78 10.93
CA ALA B 69 12.09 -6.41 9.64
C ALA B 69 11.24 -7.67 9.74
N ALA B 70 11.31 -8.39 10.86
CA ALA B 70 10.42 -9.53 11.01
C ALA B 70 8.97 -9.06 11.13
N ILE B 71 8.73 -8.07 11.99
CA ILE B 71 7.37 -7.56 12.11
C ILE B 71 6.94 -6.91 10.80
N ALA B 72 7.86 -6.26 10.08
CA ALA B 72 7.45 -5.57 8.86
C ALA B 72 6.99 -6.54 7.79
N ILE B 73 7.72 -7.64 7.61
CA ILE B 73 7.34 -8.61 6.61
C ILE B 73 6.02 -9.30 6.99
N GLU B 74 5.83 -9.61 8.28
CA GLU B 74 4.55 -10.18 8.69
C GLU B 74 3.43 -9.22 8.42
N THR B 75 3.69 -7.92 8.60
CA THR B 75 2.70 -6.90 8.32
C THR B 75 2.33 -6.89 6.83
N VAL B 76 3.35 -6.96 5.95
CA VAL B 76 3.09 -7.12 4.54
C VAL B 76 2.23 -8.35 4.29
N HIS B 77 2.59 -9.45 4.91
CA HIS B 77 1.84 -10.65 4.71
C HIS B 77 0.41 -10.44 5.08
N ASN B 78 0.15 -9.81 6.20
CA ASN B 78 -1.23 -9.59 6.62
C ASN B 78 -1.92 -8.59 5.71
N PHE B 79 -1.20 -7.58 5.24
CA PHE B 79 -1.74 -6.71 4.21
C PHE B 79 -2.26 -7.54 3.03
N THR B 80 -1.42 -8.45 2.50
CA THR B 80 -1.84 -9.20 1.31
C THR B 80 -3.08 -10.02 1.60
N LEU B 81 -3.10 -10.72 2.75
CA LEU B 81 -4.29 -11.48 3.15
C LEU B 81 -5.55 -10.65 3.00
N VAL B 82 -5.53 -9.44 3.56
CA VAL B 82 -6.72 -8.60 3.58
C VAL B 82 -7.18 -8.28 2.16
N HIS B 83 -6.26 -7.81 1.31
CA HIS B 83 -6.66 -7.51 -0.06
C HIS B 83 -6.98 -8.76 -0.87
N ASP B 84 -6.31 -9.88 -0.60
CA ASP B 84 -6.61 -11.11 -1.31
C ASP B 84 -8.03 -11.57 -1.04
N ASP B 85 -8.42 -11.53 0.24
CA ASP B 85 -9.76 -11.96 0.63
C ASP B 85 -10.82 -11.10 -0.02
N ILE B 86 -10.54 -9.83 -0.26
CA ILE B 86 -11.47 -9.02 -1.03
C ILE B 86 -11.64 -9.61 -2.43
N MET B 87 -10.57 -10.14 -3.02
CA MET B 87 -10.58 -10.59 -4.41
C MET B 87 -11.23 -11.96 -4.55
N ASP B 88 -10.82 -12.91 -3.72
CA ASP B 88 -11.43 -14.24 -3.76
C ASP B 88 -12.83 -14.26 -3.15
N GLU B 89 -13.28 -13.15 -2.57
CA GLU B 89 -14.59 -13.04 -1.90
C GLU B 89 -14.86 -14.18 -0.94
N ASP B 90 -13.78 -14.73 -0.36
CA ASP B 90 -13.93 -15.74 0.67
C ASP B 90 -14.68 -15.14 1.84
N GLU B 91 -15.62 -15.90 2.38
CA GLU B 91 -16.28 -15.45 3.58
C GLU B 91 -15.48 -15.76 4.82
N MET B 92 -14.58 -16.74 4.73
CA MET B 92 -13.75 -17.12 5.85
C MET B 92 -12.34 -17.45 5.39
N ARG B 93 -11.38 -17.15 6.25
CA ARG B 93 -9.98 -17.52 6.08
C ARG B 93 -9.57 -18.29 7.33
N ARG B 94 -9.24 -19.57 7.14
CA ARG B 94 -9.08 -20.49 8.26
C ARG B 94 -10.33 -20.43 9.13
N GLY B 95 -10.14 -20.09 10.41
CA GLY B 95 -11.21 -20.16 11.37
C GLY B 95 -11.93 -18.88 11.69
N VAL B 96 -11.69 -17.80 10.93
CA VAL B 96 -12.35 -16.53 11.21
C VAL B 96 -12.96 -16.00 9.91
N LYS B 97 -13.95 -15.14 10.07
CA LYS B 97 -14.58 -14.48 8.94
C LYS B 97 -13.60 -13.50 8.32
N THR B 98 -13.70 -13.32 7.01
CA THR B 98 -12.75 -12.41 6.37
C THR B 98 -13.07 -10.97 6.73
N VAL B 99 -12.06 -10.12 6.53
CA VAL B 99 -12.15 -8.73 6.94
C VAL B 99 -13.20 -8.00 6.13
N HIS B 100 -13.25 -8.24 4.82
CA HIS B 100 -14.25 -7.51 4.06
C HIS B 100 -15.66 -7.94 4.44
N THR B 101 -15.83 -9.14 4.98
CA THR B 101 -17.18 -9.54 5.32
C THR B 101 -17.63 -8.91 6.65
N LEU B 102 -16.72 -8.80 7.62
CA LEU B 102 -17.11 -8.20 8.90
C LEU B 102 -17.24 -6.68 8.82
N PHE B 103 -16.42 -6.04 8.00
CA PHE B 103 -16.32 -4.59 8.05
C PHE B 103 -16.67 -3.92 6.73
N GLY B 104 -16.74 -4.67 5.66
CA GLY B 104 -17.05 -4.09 4.37
C GLY B 104 -15.81 -3.97 3.50
N ILE B 105 -16.05 -3.90 2.21
CA ILE B 105 -14.94 -3.83 1.26
C ILE B 105 -14.12 -2.56 1.45
N PRO B 106 -14.71 -1.36 1.46
CA PRO B 106 -13.87 -0.16 1.64
C PRO B 106 -13.03 -0.19 2.90
N THR B 107 -13.59 -0.56 4.06
CA THR B 107 -12.75 -0.62 5.26
C THR B 107 -11.67 -1.70 5.12
N ALA B 108 -12.01 -2.84 4.52
CA ALA B 108 -10.99 -3.85 4.25
C ALA B 108 -9.87 -3.29 3.40
N ILE B 109 -10.20 -2.51 2.38
CA ILE B 109 -9.15 -1.90 1.56
C ILE B 109 -8.28 -1.00 2.42
N LEU B 110 -8.91 -0.08 3.16
CA LEU B 110 -8.14 0.82 4.03
C LEU B 110 -7.36 0.06 5.09
N ALA B 111 -7.87 -1.08 5.57
CA ALA B 111 -7.16 -1.79 6.61
C ALA B 111 -5.83 -2.32 6.07
N GLY B 112 -5.86 -2.99 4.92
CA GLY B 112 -4.62 -3.42 4.30
C GLY B 112 -3.73 -2.27 3.89
N ASP B 113 -4.33 -1.19 3.36
CA ASP B 113 -3.55 0.01 3.04
C ASP B 113 -2.82 0.54 4.26
N THR B 114 -3.43 0.39 5.44
CA THR B 114 -2.84 0.84 6.69
C THR B 114 -1.71 -0.08 7.12
N LEU B 115 -1.98 -1.39 7.17
CA LEU B 115 -0.91 -2.36 7.39
C LEU B 115 0.24 -2.11 6.41
N TYR B 116 -0.08 -1.84 5.15
CA TYR B 116 0.94 -1.65 4.12
C TYR B 116 1.89 -0.53 4.50
N ALA B 117 1.35 0.65 4.86
CA ALA B 117 2.22 1.74 5.29
C ALA B 117 2.89 1.39 6.62
N GLU B 118 2.15 0.77 7.54
CA GLU B 118 2.71 0.47 8.84
C GLU B 118 3.96 -0.39 8.71
N ALA B 119 3.99 -1.26 7.70
CA ALA B 119 5.14 -2.14 7.52
C ALA B 119 6.39 -1.36 7.18
N PHE B 120 6.27 -0.37 6.29
CA PHE B 120 7.43 0.43 5.98
C PHE B 120 7.83 1.33 7.14
N GLU B 121 6.87 1.73 7.99
CA GLU B 121 7.28 2.50 9.14
C GLU B 121 8.00 1.62 10.15
N ILE B 122 7.57 0.37 10.26
CA ILE B 122 8.24 -0.52 11.22
C ILE B 122 9.62 -0.91 10.70
N LEU B 123 9.71 -1.32 9.43
CA LEU B 123 11.01 -1.63 8.84
C LEU B 123 12.02 -0.51 9.12
N SER B 124 11.60 0.74 8.95
CA SER B 124 12.49 1.89 9.06
C SER B 124 12.97 2.12 10.48
N MET B 125 12.35 1.47 11.47
CA MET B 125 12.81 1.56 12.84
C MET B 125 14.03 0.69 13.12
N SER B 126 14.52 -0.05 12.14
CA SER B 126 15.51 -1.08 12.40
C SER B 126 16.80 -0.48 12.98
N ASP B 127 17.39 -1.21 13.93
CA ASP B 127 18.72 -0.90 14.46
C ASP B 127 19.75 -1.53 13.54
N ALA B 128 20.04 -0.81 12.46
CA ALA B 128 21.02 -1.28 11.49
C ALA B 128 21.55 -0.07 10.73
N PRO B 129 22.69 -0.21 10.05
CA PRO B 129 23.22 0.89 9.21
C PRO B 129 22.13 1.46 8.32
N PRO B 130 21.97 2.78 8.27
CA PRO B 130 20.82 3.36 7.54
C PRO B 130 20.85 3.03 6.06
N GLU B 131 22.02 3.20 5.44
CA GLU B 131 22.42 2.64 4.15
C GLU B 131 21.78 1.28 3.86
N ASN B 132 21.76 0.40 4.87
CA ASN B 132 21.16 -0.92 4.70
C ASN B 132 19.66 -0.92 4.96
N ILE B 133 19.15 -0.01 5.79
CA ILE B 133 17.70 0.11 5.89
C ILE B 133 17.13 0.58 4.57
N VAL B 134 17.82 1.53 3.90
CA VAL B 134 17.38 1.99 2.59
C VAL B 134 17.30 0.83 1.62
N ARG B 135 18.39 0.07 1.48
CA ARG B 135 18.35 -1.11 0.64
C ARG B 135 17.24 -2.08 1.04
N ALA B 136 16.99 -2.23 2.34
CA ALA B 136 15.93 -3.14 2.79
C ALA B 136 14.57 -2.60 2.39
N VAL B 137 14.37 -1.28 2.50
CA VAL B 137 13.10 -0.71 2.06
C VAL B 137 12.92 -0.91 0.56
N SER B 138 13.99 -0.68 -0.21
CA SER B 138 13.93 -0.83 -1.66
C SER B 138 13.59 -2.26 -2.07
N LYS B 139 14.23 -3.24 -1.42
CA LYS B 139 14.02 -4.63 -1.77
C LYS B 139 12.63 -5.10 -1.36
N LEU B 140 12.17 -4.72 -0.16
CA LEU B 140 10.83 -5.08 0.28
C LEU B 140 9.75 -4.42 -0.55
N ALA B 141 10.02 -3.23 -1.06
CA ALA B 141 9.01 -2.57 -1.88
C ALA B 141 8.92 -3.23 -3.25
N ARG B 142 10.06 -3.65 -3.81
CA ARG B 142 10.03 -4.39 -5.07
C ARG B 142 9.34 -5.73 -4.89
N VAL B 143 9.61 -6.37 -3.74
CA VAL B 143 8.92 -7.59 -3.36
C VAL B 143 7.41 -7.36 -3.36
N CYS B 144 6.96 -6.25 -2.78
CA CYS B 144 5.54 -5.94 -2.75
C CYS B 144 4.99 -5.72 -4.16
N VAL B 145 5.76 -5.08 -5.03
CA VAL B 145 5.32 -4.94 -6.41
C VAL B 145 5.13 -6.31 -7.03
N GLU B 146 6.03 -7.24 -6.73
CA GLU B 146 5.98 -8.56 -7.38
C GLU B 146 4.82 -9.38 -6.85
N ILE B 147 4.55 -9.33 -5.54
CA ILE B 147 3.35 -9.99 -5.01
C ILE B 147 2.12 -9.51 -5.74
N CYS B 148 2.02 -8.20 -5.98
CA CYS B 148 0.90 -7.66 -6.75
C CYS B 148 0.93 -8.20 -8.18
N GLU B 149 2.11 -8.21 -8.79
CA GLU B 149 2.25 -8.81 -10.10
C GLU B 149 1.82 -10.28 -10.06
N GLY B 150 2.17 -10.99 -8.99
CA GLY B 150 1.78 -12.39 -8.88
C GLY B 150 0.27 -12.55 -8.73
N GLN B 151 -0.32 -11.84 -7.77
CA GLN B 151 -1.77 -11.96 -7.55
C GLN B 151 -2.53 -11.63 -8.83
N PHE B 152 -2.05 -10.64 -9.58
CA PHE B 152 -2.68 -10.35 -10.87
C PHE B 152 -2.46 -11.51 -11.85
N MET B 153 -1.31 -12.17 -11.78
CA MET B 153 -1.09 -13.33 -12.63
C MET B 153 -2.00 -14.48 -12.24
N ASP B 154 -2.01 -14.83 -10.95
CA ASP B 154 -2.85 -15.92 -10.46
C ASP B 154 -4.30 -15.74 -10.87
N MET B 155 -4.83 -14.52 -10.72
CA MET B 155 -6.21 -14.29 -11.05
C MET B 155 -6.43 -14.29 -12.56
N SER B 156 -5.47 -13.76 -13.31
CA SER B 156 -5.53 -13.88 -14.77
C SER B 156 -5.58 -15.34 -15.20
N PHE B 157 -4.89 -16.23 -14.47
CA PHE B 157 -4.88 -17.65 -14.80
C PHE B 157 -6.29 -18.23 -14.78
N GLU B 158 -7.12 -17.81 -13.82
CA GLU B 158 -8.45 -18.39 -13.63
C GLU B 158 -9.21 -18.44 -14.95
N GLU B 159 -9.22 -17.33 -15.67
CA GLU B 159 -9.98 -17.27 -16.90
C GLU B 159 -9.24 -17.85 -18.11
N ARG B 160 -7.92 -18.01 -18.02
CA ARG B 160 -7.19 -18.65 -19.11
C ARG B 160 -7.65 -20.10 -19.25
N ASP B 161 -7.57 -20.62 -20.48
CA ASP B 161 -7.94 -22.02 -20.67
C ASP B 161 -6.83 -22.95 -20.21
N SER B 162 -5.57 -22.60 -20.50
CA SER B 162 -4.46 -23.40 -20.04
C SER B 162 -3.26 -22.50 -19.78
N VAL B 163 -2.57 -22.79 -18.68
CA VAL B 163 -1.32 -22.13 -18.36
C VAL B 163 -0.24 -23.18 -18.22
N GLY B 164 0.95 -22.88 -18.72
CA GLY B 164 2.06 -23.78 -18.59
C GLY B 164 2.66 -23.77 -17.18
N GLU B 165 3.41 -24.84 -16.88
CA GLU B 165 4.08 -24.93 -15.59
C GLU B 165 4.97 -23.71 -15.34
N SER B 166 5.68 -23.26 -16.38
CA SER B 166 6.58 -22.12 -16.22
C SER B 166 5.83 -20.88 -15.74
N GLU B 167 4.88 -20.38 -16.54
CA GLU B 167 4.06 -19.23 -16.13
C GLU B 167 3.54 -19.44 -14.72
N TYR B 168 2.96 -20.62 -14.45
CA TYR B 168 2.41 -20.88 -13.12
C TYR B 168 3.49 -20.78 -12.05
N LEU B 169 4.69 -21.28 -12.34
CA LEU B 169 5.73 -21.30 -11.33
C LEU B 169 6.38 -19.93 -11.18
N GLU B 170 6.38 -19.12 -12.24
CA GLU B 170 6.78 -17.74 -12.06
C GLU B 170 5.76 -16.99 -11.20
N MET B 171 4.48 -17.35 -11.33
CA MET B 171 3.47 -16.73 -10.51
C MET B 171 3.64 -17.10 -9.05
N VAL B 172 3.89 -18.38 -8.75
CA VAL B 172 4.06 -18.77 -7.36
C VAL B 172 5.31 -18.12 -6.78
N ARG B 173 6.35 -17.96 -7.61
CA ARG B 173 7.57 -17.31 -7.14
C ARG B 173 7.29 -15.90 -6.67
N LYS B 174 6.48 -15.15 -7.43
CA LYS B 174 6.09 -13.80 -7.04
C LYS B 174 5.04 -13.81 -5.92
N LYS B 175 4.01 -14.65 -6.06
CA LYS B 175 2.82 -14.49 -5.23
C LYS B 175 3.10 -14.86 -3.78
N THR B 176 3.82 -15.96 -3.56
CA THR B 176 4.14 -16.35 -2.19
C THR B 176 5.62 -16.58 -1.94
N GLY B 177 6.47 -16.60 -2.97
CA GLY B 177 7.87 -16.93 -2.83
C GLY B 177 8.76 -15.79 -2.39
N VAL B 178 8.71 -14.66 -3.12
CA VAL B 178 9.63 -13.56 -2.81
C VAL B 178 9.41 -13.03 -1.40
N LEU B 179 8.16 -12.97 -0.94
CA LEU B 179 8.00 -12.55 0.45
C LEU B 179 8.66 -13.55 1.39
N ILE B 180 8.76 -14.82 0.99
CA ILE B 180 9.50 -15.75 1.83
C ILE B 180 10.98 -15.61 1.58
N GLY B 181 11.39 -15.29 0.36
CA GLY B 181 12.80 -15.03 0.10
C GLY B 181 13.35 -13.85 0.89
N ILE B 182 12.60 -12.75 0.93
CA ILE B 182 13.12 -11.57 1.61
C ILE B 182 13.07 -11.75 3.11
N SER B 183 12.14 -12.57 3.61
CA SER B 183 12.19 -12.99 5.02
C SER B 183 13.58 -13.45 5.42
N ALA B 184 14.15 -14.38 4.64
CA ALA B 184 15.51 -14.87 4.88
C ALA B 184 16.55 -13.89 4.37
N SER B 185 16.27 -13.23 3.25
CA SER B 185 17.23 -12.33 2.66
C SER B 185 17.51 -11.15 3.58
N ILE B 186 16.48 -10.61 4.23
CA ILE B 186 16.58 -9.24 4.73
C ILE B 186 17.62 -9.09 5.84
N PRO B 187 17.89 -10.08 6.71
CA PRO B 187 18.99 -9.88 7.67
C PRO B 187 20.35 -9.76 7.00
N ALA B 188 20.56 -10.47 5.88
CA ALA B 188 21.77 -10.27 5.10
C ALA B 188 21.84 -8.86 4.55
N VAL B 189 20.70 -8.28 4.23
CA VAL B 189 20.71 -6.91 3.75
C VAL B 189 20.94 -5.95 4.92
N LEU B 190 20.24 -6.18 6.03
CA LEU B 190 20.28 -5.24 7.14
C LEU B 190 21.68 -5.16 7.76
N PHE B 191 22.40 -6.29 7.80
CA PHE B 191 23.70 -6.38 8.46
C PHE B 191 24.83 -6.60 7.47
N GLY B 192 24.69 -6.04 6.27
CA GLY B 192 25.84 -5.89 5.40
C GLY B 192 26.55 -7.15 5.03
N LYS B 193 25.89 -8.31 5.10
CA LYS B 193 26.52 -9.46 4.46
C LYS B 193 26.55 -9.23 2.95
N ASP B 194 27.36 -10.00 2.26
CA ASP B 194 27.65 -9.69 0.87
C ASP B 194 26.63 -10.36 -0.07
N GLU B 195 26.82 -10.12 -1.37
CA GLU B 195 25.83 -10.54 -2.36
C GLU B 195 25.67 -12.05 -2.37
N SER B 196 26.77 -12.78 -2.17
CA SER B 196 26.70 -14.24 -2.13
C SER B 196 25.76 -14.72 -1.03
N VAL B 197 25.84 -14.11 0.14
CA VAL B 197 25.03 -14.52 1.27
C VAL B 197 23.56 -14.13 1.04
N GLU B 198 23.33 -12.90 0.56
CA GLU B 198 21.98 -12.43 0.28
C GLU B 198 21.27 -13.36 -0.69
N LYS B 199 21.84 -13.50 -1.90
CA LYS B 199 21.25 -14.38 -2.90
C LYS B 199 21.02 -15.78 -2.35
N ALA B 200 21.91 -16.23 -1.44
CA ALA B 200 21.76 -17.57 -0.88
C ALA B 200 20.54 -17.66 0.02
N LEU B 201 20.39 -16.71 0.94
CA LEU B 201 19.19 -16.72 1.77
C LEU B 201 17.96 -16.40 0.96
N TRP B 202 18.13 -15.54 -0.05
CA TRP B 202 17.06 -15.28 -1.01
C TRP B 202 16.59 -16.58 -1.65
N ASN B 203 17.49 -17.24 -2.38
CA ASN B 203 17.12 -18.47 -3.08
C ASN B 203 16.47 -19.48 -2.14
N TYR B 204 17.02 -19.62 -0.94
CA TYR B 204 16.40 -20.50 0.05
C TYR B 204 14.95 -20.11 0.29
N GLY B 205 14.69 -18.81 0.51
CA GLY B 205 13.34 -18.38 0.84
C GLY B 205 12.37 -18.60 -0.30
N ILE B 206 12.78 -18.31 -1.52
CA ILE B 206 11.89 -18.51 -2.66
C ILE B 206 11.56 -19.98 -2.79
N TYR B 207 12.58 -20.82 -2.85
CA TYR B 207 12.34 -22.25 -3.06
C TYR B 207 11.51 -22.82 -1.94
N SER B 208 11.79 -22.43 -0.70
CA SER B 208 10.92 -22.84 0.38
C SER B 208 9.49 -22.40 0.12
N GLY B 209 9.31 -21.22 -0.49
CA GLY B 209 7.97 -20.74 -0.76
C GLY B 209 7.24 -21.59 -1.78
N ILE B 210 7.89 -21.83 -2.92
CA ILE B 210 7.24 -22.60 -3.97
C ILE B 210 6.88 -23.99 -3.49
N GLY B 211 7.86 -24.71 -2.95
CA GLY B 211 7.55 -25.99 -2.33
C GLY B 211 6.45 -25.87 -1.30
N PHE B 212 6.52 -24.84 -0.45
CA PHE B 212 5.49 -24.64 0.56
C PHE B 212 4.13 -24.44 -0.10
N GLN B 213 4.11 -23.83 -1.28
CA GLN B 213 2.85 -23.63 -1.98
C GLN B 213 2.34 -24.93 -2.57
N ILE B 214 3.19 -25.61 -3.34
CA ILE B 214 2.80 -26.89 -3.93
C ILE B 214 2.24 -27.81 -2.87
N HIS B 215 2.88 -27.86 -1.70
CA HIS B 215 2.36 -28.71 -0.65
C HIS B 215 1.01 -28.20 -0.13
N ASP B 216 0.79 -26.88 -0.16
CA ASP B 216 -0.49 -26.36 0.32
C ASP B 216 -1.62 -26.69 -0.64
N ASP B 217 -1.29 -26.88 -1.93
CA ASP B 217 -2.28 -27.33 -2.88
C ASP B 217 -2.51 -28.83 -2.78
N LEU B 218 -1.48 -29.57 -2.37
CA LEU B 218 -1.64 -31.00 -2.13
C LEU B 218 -2.52 -31.26 -0.93
N LEU B 219 -2.45 -30.41 0.10
CA LEU B 219 -3.24 -30.62 1.32
C LEU B 219 -4.75 -30.53 1.09
N ASP B 220 -5.18 -30.06 -0.09
CA ASP B 220 -6.59 -30.04 -0.45
C ASP B 220 -7.03 -31.37 -1.08
N ILE B 221 -6.09 -32.06 -1.74
CA ILE B 221 -6.27 -33.45 -2.16
C ILE B 221 -6.14 -34.41 -0.98
N SER B 222 -5.36 -34.01 0.03
CA SER B 222 -5.11 -34.82 1.24
C SER B 222 -6.36 -35.43 1.83
N TRP B 231 -12.76 -31.98 1.95
CA TRP B 231 -11.61 -31.94 1.05
C TRP B 231 -11.94 -31.08 -0.17
N GLY B 232 -11.43 -31.52 -1.31
CA GLY B 232 -11.94 -31.19 -2.63
C GLY B 232 -11.98 -29.76 -3.16
N SER B 233 -11.93 -28.74 -2.29
CA SER B 233 -12.38 -27.41 -2.69
C SER B 233 -11.58 -26.81 -3.85
N ASP B 234 -10.27 -27.08 -3.95
CA ASP B 234 -9.48 -26.46 -5.02
C ASP B 234 -10.05 -26.79 -6.40
N ILE B 235 -10.55 -28.00 -6.59
CA ILE B 235 -10.99 -28.37 -7.92
C ILE B 235 -12.36 -27.80 -8.21
N LEU B 236 -13.30 -27.92 -7.25
CA LEU B 236 -14.60 -27.29 -7.42
C LEU B 236 -14.45 -25.80 -7.71
N GLU B 237 -13.53 -25.13 -7.02
CA GLU B 237 -13.26 -23.71 -7.25
C GLU B 237 -12.53 -23.44 -8.55
N GLY B 238 -11.99 -24.48 -9.21
CA GLY B 238 -11.25 -24.29 -10.43
C GLY B 238 -9.85 -23.77 -10.26
N LYS B 239 -9.32 -23.74 -9.03
CA LYS B 239 -7.98 -23.27 -8.78
C LYS B 239 -6.98 -24.08 -9.61
N LYS B 240 -6.18 -23.39 -10.41
CA LYS B 240 -5.18 -24.04 -11.26
C LYS B 240 -3.89 -24.24 -10.45
N THR B 241 -3.70 -25.46 -9.98
CA THR B 241 -2.57 -25.87 -9.18
C THR B 241 -1.55 -26.55 -10.08
N LEU B 242 -0.42 -26.94 -9.49
CA LEU B 242 0.58 -27.67 -10.27
C LEU B 242 0.09 -29.06 -10.65
N ILE B 243 -0.77 -29.67 -9.81
CA ILE B 243 -1.33 -30.99 -10.11
C ILE B 243 -2.18 -30.93 -11.36
N VAL B 244 -3.21 -30.07 -11.35
CA VAL B 244 -4.10 -29.96 -12.49
C VAL B 244 -3.39 -29.42 -13.73
N ILE B 245 -2.20 -28.84 -13.58
CA ILE B 245 -1.50 -28.40 -14.78
C ILE B 245 -0.75 -29.56 -15.41
N LYS B 246 -0.17 -30.43 -14.59
CA LYS B 246 0.43 -31.66 -15.10
C LYS B 246 -0.64 -32.54 -15.74
N ALA B 247 -1.71 -32.84 -15.00
CA ALA B 247 -2.76 -33.71 -15.51
C ALA B 247 -3.38 -33.17 -16.79
N PHE B 248 -3.69 -31.87 -16.82
CA PHE B 248 -4.24 -31.30 -18.04
C PHE B 248 -3.22 -31.32 -19.18
N GLU B 249 -1.94 -31.12 -18.84
CA GLU B 249 -0.90 -31.35 -19.84
C GLU B 249 -0.88 -32.81 -20.27
N GLU B 250 -1.30 -33.72 -19.39
CA GLU B 250 -1.53 -35.12 -19.72
C GLU B 250 -2.97 -35.37 -20.21
N GLY B 251 -3.65 -34.33 -20.65
CA GLY B 251 -4.99 -34.45 -21.22
C GLY B 251 -6.02 -35.16 -20.37
N ILE B 252 -5.96 -34.99 -19.05
CA ILE B 252 -6.87 -35.70 -18.15
C ILE B 252 -8.21 -34.99 -18.12
N GLU B 253 -9.23 -35.62 -18.72
CA GLU B 253 -10.59 -35.09 -18.67
C GLU B 253 -11.07 -35.01 -17.22
N LEU B 254 -11.36 -33.80 -16.77
CA LEU B 254 -11.67 -33.54 -15.36
C LEU B 254 -13.10 -33.03 -15.26
N GLU B 255 -13.96 -33.86 -14.66
CA GLU B 255 -15.40 -33.67 -14.77
C GLU B 255 -15.92 -32.52 -13.90
N THR B 256 -15.26 -32.21 -12.79
CA THR B 256 -15.85 -31.29 -11.83
C THR B 256 -15.01 -30.04 -11.62
N PHE B 257 -14.10 -29.75 -12.55
CA PHE B 257 -13.16 -28.65 -12.34
C PHE B 257 -13.84 -27.29 -12.31
N GLY B 258 -14.90 -27.10 -13.09
CA GLY B 258 -15.45 -25.76 -13.15
C GLY B 258 -16.61 -25.53 -12.20
N LYS B 259 -17.34 -26.61 -11.89
CA LYS B 259 -18.71 -26.49 -11.40
C LYS B 259 -18.80 -25.65 -10.14
N GLY B 260 -18.02 -25.98 -9.11
CA GLY B 260 -18.18 -25.33 -7.82
C GLY B 260 -19.15 -26.09 -6.93
N ARG B 261 -20.36 -26.31 -7.41
CA ARG B 261 -21.28 -27.25 -6.77
C ARG B 261 -21.04 -28.62 -7.37
N ALA B 262 -21.02 -29.65 -6.53
CA ALA B 262 -20.74 -30.98 -7.09
C ALA B 262 -21.25 -32.09 -6.17
N SER B 263 -21.36 -33.27 -6.78
CA SER B 263 -21.64 -34.52 -6.09
C SER B 263 -20.35 -35.13 -5.56
N GLU B 264 -20.47 -35.89 -4.47
CA GLU B 264 -19.29 -36.50 -3.85
C GLU B 264 -18.64 -37.50 -4.79
N GLU B 265 -19.43 -38.39 -5.39
CA GLU B 265 -18.89 -39.35 -6.34
C GLU B 265 -18.20 -38.64 -7.50
N GLU B 266 -18.82 -37.56 -7.98
CA GLU B 266 -18.26 -36.81 -9.10
C GLU B 266 -16.89 -36.23 -8.74
N LEU B 267 -16.77 -35.62 -7.55
CA LEU B 267 -15.50 -35.07 -7.11
C LEU B 267 -14.50 -36.17 -6.74
N GLU B 268 -14.99 -37.28 -6.20
CA GLU B 268 -14.08 -38.38 -5.87
C GLU B 268 -13.44 -38.97 -7.13
N ARG B 269 -14.22 -39.09 -8.22
CA ARG B 269 -13.65 -39.64 -9.45
C ARG B 269 -12.64 -38.67 -10.06
N ASP B 270 -12.86 -37.37 -9.85
CA ASP B 270 -11.89 -36.37 -10.33
C ASP B 270 -10.63 -36.38 -9.48
N ILE B 271 -10.77 -36.48 -8.16
CA ILE B 271 -9.61 -36.67 -7.29
C ILE B 271 -8.92 -37.98 -7.62
N LYS B 272 -9.72 -39.05 -7.81
CA LYS B 272 -9.19 -40.36 -8.17
C LYS B 272 -8.30 -40.27 -9.40
N LYS B 273 -8.83 -39.69 -10.48
CA LYS B 273 -8.03 -39.41 -11.66
C LYS B 273 -6.69 -38.83 -11.27
N LEU B 274 -6.71 -37.78 -10.43
CA LEU B 274 -5.52 -36.95 -10.23
C LEU B 274 -4.38 -37.72 -9.59
N PHE B 275 -4.67 -38.53 -8.58
CA PHE B 275 -3.65 -39.39 -8.01
C PHE B 275 -3.02 -40.29 -9.07
N ASP B 276 -3.87 -40.99 -9.83
CA ASP B 276 -3.46 -41.97 -10.83
C ASP B 276 -2.87 -41.34 -12.09
N CYS B 277 -3.05 -40.04 -12.32
CA CYS B 277 -2.50 -39.39 -13.51
C CYS B 277 -1.00 -39.58 -13.61
N GLY B 278 -0.32 -39.67 -12.48
CA GLY B 278 1.06 -39.25 -12.47
C GLY B 278 1.06 -37.73 -12.37
N ALA B 279 0.30 -37.21 -11.40
CA ALA B 279 0.25 -35.76 -11.17
C ALA B 279 0.34 -35.39 -9.70
N VAL B 280 -0.33 -36.13 -8.80
CA VAL B 280 -0.13 -35.87 -7.37
C VAL B 280 1.29 -36.25 -6.97
N ASP B 281 1.81 -37.33 -7.54
CA ASP B 281 3.22 -37.66 -7.35
C ASP B 281 4.11 -36.52 -7.84
N TYR B 282 3.83 -36.03 -9.06
CA TYR B 282 4.63 -34.95 -9.62
C TYR B 282 4.72 -33.78 -8.66
N ALA B 283 3.60 -33.44 -8.02
CA ALA B 283 3.57 -32.30 -7.11
C ALA B 283 4.44 -32.54 -5.89
N ARG B 284 4.21 -33.65 -5.16
CA ARG B 284 5.08 -33.98 -4.03
C ARG B 284 6.54 -33.99 -4.45
N GLU B 285 6.83 -34.62 -5.59
CA GLU B 285 8.20 -34.70 -6.07
C GLU B 285 8.74 -33.32 -6.42
N ARG B 286 7.99 -32.56 -7.22
CA ARG B 286 8.44 -31.22 -7.61
C ARG B 286 8.53 -30.31 -6.39
N ALA B 287 7.58 -30.42 -5.46
CA ALA B 287 7.70 -29.69 -4.20
C ALA B 287 8.98 -30.07 -3.46
N ARG B 288 9.31 -31.36 -3.43
CA ARG B 288 10.50 -31.82 -2.71
C ARG B 288 11.77 -31.30 -3.38
N GLU B 289 11.83 -31.29 -4.71
CA GLU B 289 13.05 -30.81 -5.33
C GLU B 289 13.24 -29.30 -5.17
N TYR B 290 12.22 -28.60 -4.67
CA TYR B 290 12.38 -27.19 -4.33
C TYR B 290 12.97 -27.02 -2.94
N ILE B 291 12.39 -27.69 -1.95
CA ILE B 291 12.90 -27.65 -0.58
C ILE B 291 14.36 -28.07 -0.54
N GLU B 292 14.73 -29.05 -1.36
CA GLU B 292 16.12 -29.45 -1.43
C GLU B 292 16.97 -28.36 -2.05
N MET B 293 16.47 -27.73 -3.12
CA MET B 293 17.15 -26.59 -3.70
C MET B 293 17.32 -25.46 -2.69
N ALA B 294 16.43 -25.38 -1.70
CA ALA B 294 16.58 -24.40 -0.64
C ALA B 294 17.73 -24.78 0.29
N LYS B 295 17.74 -26.03 0.76
CA LYS B 295 18.83 -26.50 1.62
C LYS B 295 20.17 -26.37 0.92
N LYS B 296 20.32 -27.04 -0.22
CA LYS B 296 21.57 -26.97 -0.97
C LYS B 296 21.98 -25.55 -1.28
N ASN B 297 21.02 -24.62 -1.24
CA ASN B 297 21.38 -23.22 -1.35
C ASN B 297 21.86 -22.68 -0.02
N LEU B 298 21.19 -23.07 1.06
CA LEU B 298 21.49 -22.62 2.42
C LEU B 298 22.87 -23.03 2.91
N GLU B 299 23.61 -23.80 2.08
CA GLU B 299 24.91 -24.32 2.45
C GLU B 299 25.98 -23.23 2.50
N VAL B 300 25.81 -22.16 1.73
CA VAL B 300 26.74 -21.05 1.72
C VAL B 300 26.90 -20.41 3.10
N ILE B 301 25.95 -20.65 3.99
CA ILE B 301 26.02 -20.14 5.36
C ILE B 301 26.72 -21.15 6.24
N ASP B 302 27.43 -20.66 7.26
CA ASP B 302 28.16 -21.54 8.16
C ASP B 302 27.20 -22.48 8.89
N GLU B 303 27.72 -23.66 9.26
CA GLU B 303 26.96 -24.60 10.07
C GLU B 303 26.71 -24.03 11.45
N SER B 304 25.53 -24.30 11.98
CA SER B 304 24.99 -23.62 13.15
C SER B 304 23.70 -24.32 13.59
N PRO B 305 23.34 -24.22 14.88
CA PRO B 305 21.99 -24.66 15.26
C PRO B 305 20.91 -23.93 14.46
N SER B 306 21.12 -22.64 14.21
CA SER B 306 20.18 -21.85 13.44
C SER B 306 20.10 -22.32 11.99
N ARG B 307 21.26 -22.55 11.36
CA ARG B 307 21.25 -22.96 9.95
C ARG B 307 20.48 -24.26 9.76
N ASN B 308 20.71 -25.23 10.65
CA ASN B 308 19.96 -26.48 10.57
C ASN B 308 18.50 -26.27 10.95
N TYR B 309 18.19 -25.20 11.68
CA TYR B 309 16.79 -24.92 11.98
C TYR B 309 16.04 -24.48 10.73
N LEU B 310 16.64 -23.58 9.94
CA LEU B 310 16.07 -23.28 8.63
C LEU B 310 15.90 -24.54 7.80
N VAL B 311 16.83 -25.50 7.94
CA VAL B 311 16.72 -26.74 7.17
C VAL B 311 15.47 -27.50 7.59
N GLU B 312 15.40 -27.87 8.87
CA GLU B 312 14.22 -28.59 9.37
C GLU B 312 12.95 -27.81 9.05
N LEU B 313 13.04 -26.49 8.97
CA LEU B 313 11.88 -25.66 8.70
C LEU B 313 11.45 -25.75 7.24
N ALA B 314 12.42 -25.68 6.32
CA ALA B 314 12.11 -25.96 4.92
C ALA B 314 11.49 -27.34 4.77
N ASP B 315 11.84 -28.26 5.66
CA ASP B 315 11.20 -29.57 5.66
C ASP B 315 9.76 -29.48 6.14
N TYR B 316 9.49 -28.73 7.21
CA TYR B 316 8.12 -28.66 7.71
C TYR B 316 7.18 -28.10 6.66
N LEU B 317 7.67 -27.27 5.75
CA LEU B 317 6.79 -26.74 4.73
C LEU B 317 6.24 -27.85 3.84
N ILE B 318 6.92 -29.00 3.76
CA ILE B 318 6.45 -30.14 2.96
C ILE B 318 5.75 -31.20 3.81
N GLU B 319 5.78 -31.08 5.12
CA GLU B 319 5.15 -32.06 6.01
C GLU B 319 3.96 -31.40 6.71
N ARG B 320 2.77 -31.99 6.55
CA ARG B 320 1.57 -31.44 7.18
C ARG B 320 0.44 -32.46 7.28
#